data_1MMB
#
_entry.id   1MMB
#
_cell.length_a   33.670
_cell.length_b   69.640
_cell.length_c   73.400
_cell.angle_alpha   90.00
_cell.angle_beta   90.00
_cell.angle_gamma   90.00
#
_symmetry.space_group_name_H-M   'P 21 21 21'
#
loop_
_entity.id
_entity.type
_entity.pdbx_description
1 polymer 'MATRIX METALLOPROTEINASE-8'
2 non-polymer 'CALCIUM ION'
3 non-polymer 'ZINC ION'
4 non-polymer 4-(N-HYDROXYAMINO)-2R-ISOBUTYL-2S-(2-THIENYLTHIOMETHYL)SUCCINYL-L-PHENYLALANINE-N-METHYLAMIDE
5 water water
#
_entity_poly.entity_id   1
_entity_poly.type   'polypeptide(L)'
_entity_poly.pdbx_seq_one_letter_code
;MLTPGNPKWERTNLTYRIRNYTPQLSEAEVERAIKDAFELWSVASPLIFTRISQGEADINIAFYQRDHGDNSPFDGPNGI
LAHAFQPGQGIGGDAHFDAEETWTNTSANYNLFLVAAHEFGHSLGLAHSSDPGALMYPNYAFRETSNYSLPQDDIDGIQA
IYG
;
_entity_poly.pdbx_strand_id   A
#
# COMPACT_ATOMS: atom_id res chain seq x y z
N ASN A 6 -18.19 3.78 8.04
CA ASN A 6 -17.34 3.12 6.99
C ASN A 6 -16.93 4.09 5.88
N PRO A 7 -15.66 4.53 5.87
CA PRO A 7 -15.21 5.46 4.82
C PRO A 7 -14.78 4.76 3.53
N LYS A 8 -15.18 5.39 2.43
CA LYS A 8 -14.89 4.92 1.09
C LYS A 8 -14.75 6.14 0.19
N TRP A 9 -14.17 5.92 -0.97
CA TRP A 9 -14.01 6.95 -1.97
C TRP A 9 -15.33 7.01 -2.73
N GLU A 10 -15.79 8.21 -3.05
CA GLU A 10 -17.06 8.33 -3.78
C GLU A 10 -16.80 8.48 -5.27
N ARG A 11 -15.54 8.31 -5.67
CA ARG A 11 -15.08 8.42 -7.04
C ARG A 11 -14.35 7.12 -7.39
N THR A 12 -14.35 6.71 -8.67
CA THR A 12 -13.69 5.47 -9.04
C THR A 12 -12.33 5.55 -9.72
N ASN A 13 -12.02 6.65 -10.41
CA ASN A 13 -10.68 6.76 -10.99
C ASN A 13 -9.94 7.58 -9.95
N LEU A 14 -8.84 7.02 -9.44
CA LEU A 14 -8.06 7.67 -8.42
C LEU A 14 -6.62 7.80 -8.89
N THR A 15 -6.03 8.94 -8.61
CA THR A 15 -4.66 9.22 -9.02
C THR A 15 -3.68 8.96 -7.86
N TYR A 16 -2.46 8.57 -8.19
CA TYR A 16 -1.45 8.34 -7.16
C TYR A 16 -0.13 8.99 -7.58
N ARG A 17 0.73 9.29 -6.60
CA ARG A 17 2.02 9.91 -6.90
C ARG A 17 3.08 9.36 -5.99
N ILE A 18 4.22 8.96 -6.54
CA ILE A 18 5.34 8.46 -5.76
C ILE A 18 6.23 9.68 -5.58
N ARG A 19 6.22 10.25 -4.37
CA ARG A 19 6.99 11.46 -4.04
C ARG A 19 8.49 11.38 -3.94
N ASN A 20 9.05 10.23 -3.56
CA ASN A 20 10.49 10.04 -3.47
C ASN A 20 10.71 8.55 -3.54
N TYR A 21 11.96 8.15 -3.53
CA TYR A 21 12.32 6.75 -3.68
C TYR A 21 13.26 6.19 -2.62
N THR A 22 13.41 4.87 -2.63
CA THR A 22 14.31 4.18 -1.72
C THR A 22 15.42 3.77 -2.68
N PRO A 23 16.70 3.96 -2.28
CA PRO A 23 17.97 3.69 -2.94
C PRO A 23 18.35 2.23 -3.07
N GLN A 24 17.71 1.39 -2.26
CA GLN A 24 17.96 -0.05 -2.28
C GLN A 24 17.45 -0.72 -3.57
N LEU A 25 16.39 -0.14 -4.16
CA LEU A 25 15.80 -0.64 -5.39
C LEU A 25 15.93 0.45 -6.42
N SER A 26 15.92 0.08 -7.69
CA SER A 26 16.00 1.05 -8.75
C SER A 26 14.65 1.77 -8.78
N GLU A 27 14.59 2.92 -9.44
CA GLU A 27 13.35 3.63 -9.56
C GLU A 27 12.37 2.77 -10.35
N ALA A 28 12.84 2.07 -11.38
CA ALA A 28 11.95 1.21 -12.15
C ALA A 28 11.33 0.07 -11.29
N GLU A 29 12.15 -0.60 -10.46
CA GLU A 29 11.66 -1.66 -9.57
C GLU A 29 10.64 -1.16 -8.52
N VAL A 30 10.85 0.05 -8.01
CA VAL A 30 9.92 0.63 -7.05
C VAL A 30 8.56 0.90 -7.74
N GLU A 31 8.60 1.42 -8.98
CA GLU A 31 7.38 1.71 -9.74
C GLU A 31 6.61 0.47 -10.15
N ARG A 32 7.34 -0.59 -10.44
CA ARG A 32 6.77 -1.89 -10.77
C ARG A 32 6.07 -2.46 -9.51
N ALA A 33 6.75 -2.41 -8.36
CA ALA A 33 6.18 -2.91 -7.11
C ALA A 33 4.87 -2.22 -6.80
N ILE A 34 4.86 -0.90 -6.91
CA ILE A 34 3.68 -0.08 -6.63
C ILE A 34 2.53 -0.32 -7.63
N LYS A 35 2.87 -0.32 -8.92
CA LYS A 35 1.90 -0.54 -10.00
C LYS A 35 1.14 -1.86 -9.81
N ASP A 36 1.90 -2.94 -9.70
CA ASP A 36 1.34 -4.28 -9.49
C ASP A 36 0.47 -4.43 -8.24
N ALA A 37 0.79 -3.70 -7.17
CA ALA A 37 0.05 -3.74 -5.92
C ALA A 37 -1.29 -3.09 -6.11
N PHE A 38 -1.36 -2.05 -6.95
CA PHE A 38 -2.66 -1.41 -7.21
C PHE A 38 -3.53 -2.34 -8.09
N GLU A 39 -2.90 -3.00 -9.07
CA GLU A 39 -3.61 -3.91 -9.99
C GLU A 39 -4.35 -5.04 -9.22
N LEU A 40 -3.77 -5.54 -8.14
CA LEU A 40 -4.42 -6.57 -7.32
C LEU A 40 -5.82 -6.14 -6.91
N TRP A 41 -5.95 -4.91 -6.45
CA TRP A 41 -7.25 -4.39 -6.02
C TRP A 41 -8.26 -4.04 -7.13
N SER A 42 -7.72 -3.60 -8.26
CA SER A 42 -8.52 -3.22 -9.44
C SER A 42 -9.26 -4.38 -10.07
N VAL A 43 -8.62 -5.54 -10.09
CA VAL A 43 -9.23 -6.71 -10.68
C VAL A 43 -10.35 -7.29 -9.80
N ALA A 44 -10.62 -6.69 -8.65
CA ALA A 44 -11.65 -7.19 -7.75
C ALA A 44 -12.58 -6.12 -7.30
N SER A 45 -12.45 -4.93 -7.90
CA SER A 45 -13.31 -3.78 -7.56
C SER A 45 -13.54 -2.89 -8.80
N PRO A 46 -14.34 -1.84 -8.65
CA PRO A 46 -14.57 -0.96 -9.79
C PRO A 46 -13.54 0.20 -9.92
N LEU A 47 -12.51 0.19 -9.08
CA LEU A 47 -11.53 1.27 -9.08
C LEU A 47 -10.48 1.18 -10.14
N ILE A 48 -10.10 2.34 -10.70
CA ILE A 48 -9.05 2.44 -11.72
C ILE A 48 -8.02 3.43 -11.10
N PHE A 49 -6.74 3.07 -11.12
CA PHE A 49 -5.67 3.90 -10.53
C PHE A 49 -4.75 4.49 -11.62
N THR A 50 -4.53 5.80 -11.58
CA THR A 50 -3.70 6.42 -12.62
C THR A 50 -2.55 7.24 -12.03
N ARG A 51 -1.35 7.01 -12.53
CA ARG A 51 -0.19 7.69 -12.01
C ARG A 51 0.08 9.08 -12.61
N ILE A 52 0.29 10.09 -11.75
CA ILE A 52 0.67 11.45 -12.18
C ILE A 52 2.13 11.67 -11.75
N SER A 53 2.93 12.32 -12.59
CA SER A 53 4.33 12.55 -12.22
C SER A 53 4.47 13.71 -11.23
N GLN A 54 3.42 14.53 -11.11
CA GLN A 54 3.44 15.67 -10.24
C GLN A 54 2.07 16.28 -10.06
N GLY A 55 1.96 17.22 -9.15
CA GLY A 55 0.69 17.84 -8.89
C GLY A 55 0.10 17.13 -7.69
N GLU A 56 -1.15 17.39 -7.40
CA GLU A 56 -1.78 16.76 -6.26
C GLU A 56 -2.53 15.47 -6.61
N ALA A 57 -2.08 14.35 -6.05
CA ALA A 57 -2.71 13.05 -6.29
C ALA A 57 -3.62 12.72 -5.11
N ASP A 58 -4.57 11.83 -5.31
CA ASP A 58 -5.45 11.42 -4.21
C ASP A 58 -4.60 10.60 -3.21
N ILE A 59 -3.73 9.76 -3.75
CA ILE A 59 -2.88 8.94 -2.93
C ILE A 59 -1.41 9.32 -3.06
N ASN A 60 -0.82 9.87 -2.01
CA ASN A 60 0.62 10.18 -2.04
C ASN A 60 1.38 9.03 -1.41
N ILE A 61 2.47 8.64 -2.04
CA ILE A 61 3.28 7.54 -1.55
C ILE A 61 4.68 8.10 -1.24
N ALA A 62 5.22 7.79 -0.07
CA ALA A 62 6.55 8.30 0.26
C ALA A 62 7.28 7.43 1.26
N PHE A 63 8.59 7.51 1.19
CA PHE A 63 9.48 6.82 2.11
C PHE A 63 9.97 7.84 3.16
N TYR A 64 9.51 7.72 4.41
CA TYR A 64 9.96 8.62 5.47
C TYR A 64 10.64 7.92 6.67
N GLN A 65 11.40 8.68 7.45
CA GLN A 65 12.14 8.20 8.65
C GLN A 65 11.61 8.83 9.94
N ARG A 66 11.51 8.04 11.02
CA ARG A 66 11.09 8.54 12.35
C ARG A 66 9.97 9.58 12.30
N ASP A 67 10.18 10.75 12.92
CA ASP A 67 9.19 11.82 12.91
C ASP A 67 9.11 12.36 11.50
N HIS A 68 7.90 12.44 10.93
CA HIS A 68 7.77 12.91 9.56
C HIS A 68 6.53 13.71 9.34
N GLY A 69 6.11 14.44 10.36
CA GLY A 69 4.99 15.33 10.25
C GLY A 69 3.58 14.90 10.45
N ASP A 70 3.34 13.61 10.69
CA ASP A 70 1.97 13.17 10.86
C ASP A 70 1.53 12.67 12.23
N ASN A 71 2.39 12.77 13.24
CA ASN A 71 2.02 12.32 14.59
C ASN A 71 2.00 10.78 14.77
N SER A 72 2.70 10.05 13.91
CA SER A 72 2.78 8.60 13.98
C SER A 72 4.14 8.26 13.43
N PRO A 73 5.18 8.53 14.21
CA PRO A 73 6.59 8.30 13.86
C PRO A 73 7.00 6.87 13.67
N PHE A 74 7.90 6.66 12.73
CA PHE A 74 8.39 5.32 12.49
C PHE A 74 9.39 4.98 13.60
N ASP A 75 9.82 3.73 13.62
CA ASP A 75 10.68 3.23 14.70
C ASP A 75 12.03 2.63 14.36
N GLY A 76 12.59 2.96 13.19
CA GLY A 76 13.87 2.41 12.81
C GLY A 76 13.72 1.01 12.24
N PRO A 77 14.82 0.26 12.04
CA PRO A 77 14.71 -1.11 11.48
C PRO A 77 13.73 -2.02 12.24
N ASN A 78 13.02 -2.85 11.45
CA ASN A 78 12.00 -3.84 11.85
C ASN A 78 10.87 -3.17 12.58
N GLY A 79 10.08 -3.90 13.36
CA GLY A 79 8.98 -3.29 14.07
C GLY A 79 7.95 -2.79 13.05
N ILE A 80 7.42 -1.58 13.18
CA ILE A 80 6.46 -1.13 12.20
C ILE A 80 7.14 -0.79 10.84
N LEU A 81 6.63 -1.42 9.79
CA LEU A 81 7.13 -1.28 8.41
C LEU A 81 6.58 -0.11 7.57
N ALA A 82 5.33 0.26 7.81
CA ALA A 82 4.65 1.31 7.04
C ALA A 82 3.30 1.47 7.60
N HIS A 83 2.59 2.50 7.12
CA HIS A 83 1.21 2.78 7.49
C HIS A 83 0.46 3.59 6.43
N ALA A 84 -0.86 3.57 6.48
CA ALA A 84 -1.70 4.25 5.51
C ALA A 84 -2.94 4.82 6.16
N PHE A 85 -3.48 5.88 5.57
CA PHE A 85 -4.65 6.58 6.07
C PHE A 85 -5.90 6.22 5.28
N GLN A 86 -7.03 6.14 5.98
CA GLN A 86 -8.31 5.80 5.39
C GLN A 86 -8.70 6.80 4.31
N PRO A 87 -9.67 6.40 3.45
CA PRO A 87 -10.18 7.25 2.35
C PRO A 87 -10.55 8.69 2.85
N GLY A 88 -10.06 9.73 2.16
CA GLY A 88 -10.38 11.08 2.55
C GLY A 88 -9.53 12.17 1.93
N GLN A 89 -9.85 13.39 2.31
CA GLN A 89 -9.14 14.58 1.86
C GLN A 89 -7.76 14.73 2.45
N GLY A 90 -6.89 15.40 1.71
CA GLY A 90 -5.55 15.63 2.17
C GLY A 90 -4.75 14.38 2.43
N ILE A 91 -4.42 14.15 3.70
CA ILE A 91 -3.64 12.99 4.13
C ILE A 91 -4.45 11.73 3.89
N GLY A 92 -5.77 11.88 3.78
CA GLY A 92 -6.63 10.73 3.56
C GLY A 92 -6.13 9.93 2.38
N GLY A 93 -6.05 8.62 2.57
CA GLY A 93 -5.61 7.74 1.50
C GLY A 93 -4.12 7.61 1.34
N ASP A 94 -3.34 8.51 1.93
CA ASP A 94 -1.88 8.45 1.76
C ASP A 94 -1.16 7.25 2.40
N ALA A 95 -0.04 6.83 1.83
CA ALA A 95 0.72 5.69 2.32
C ALA A 95 2.22 6.00 2.57
N HIS A 96 2.72 5.75 3.79
CA HIS A 96 4.15 6.00 4.14
C HIS A 96 4.94 4.73 4.45
N PHE A 97 6.13 4.62 3.91
CA PHE A 97 6.97 3.45 4.15
C PHE A 97 8.16 3.86 4.98
N ASP A 98 8.58 3.02 5.92
CA ASP A 98 9.74 3.34 6.78
C ASP A 98 11.02 3.30 5.92
N ALA A 99 11.61 4.47 5.66
CA ALA A 99 12.84 4.54 4.86
C ALA A 99 14.00 3.76 5.51
N GLU A 100 13.91 3.44 6.80
CA GLU A 100 14.98 2.70 7.45
C GLU A 100 14.97 1.17 7.24
N GLU A 101 13.96 0.65 6.57
CA GLU A 101 13.90 -0.78 6.32
C GLU A 101 14.71 -1.14 5.09
N THR A 102 15.01 -2.42 4.95
CA THR A 102 15.70 -2.96 3.79
C THR A 102 14.56 -3.40 2.87
N TRP A 103 14.41 -2.71 1.75
CA TRP A 103 13.35 -3.00 0.79
C TRP A 103 13.89 -3.87 -0.34
N THR A 104 13.17 -4.94 -0.65
CA THR A 104 13.64 -5.88 -1.67
C THR A 104 12.53 -6.23 -2.64
N ASN A 105 12.88 -7.04 -3.63
CA ASN A 105 11.88 -7.59 -4.52
C ASN A 105 12.11 -9.10 -4.64
N THR A 106 12.62 -9.69 -3.55
CA THR A 106 12.91 -11.13 -3.44
C THR A 106 12.16 -11.74 -2.23
N SER A 107 12.58 -12.92 -1.77
CA SER A 107 11.96 -13.51 -0.61
C SER A 107 12.56 -12.93 0.69
N ALA A 108 13.65 -12.16 0.54
CA ALA A 108 14.37 -11.53 1.66
C ALA A 108 13.54 -10.51 2.36
N ASN A 109 13.66 -10.31 3.69
CA ASN A 109 13.00 -9.19 4.37
C ASN A 109 13.44 -7.78 3.95
N TYR A 110 12.64 -6.86 3.37
CA TYR A 110 11.18 -6.95 3.29
C TYR A 110 10.70 -6.65 1.87
N ASN A 111 9.72 -7.42 1.38
CA ASN A 111 9.33 -7.38 -0.02
C ASN A 111 8.39 -6.19 -0.14
N LEU A 112 8.82 -5.17 -0.88
CA LEU A 112 8.05 -3.93 -1.06
C LEU A 112 6.64 -4.12 -1.65
N PHE A 113 6.48 -5.02 -2.65
CA PHE A 113 5.19 -5.29 -3.31
C PHE A 113 4.12 -5.77 -2.30
N LEU A 114 4.47 -6.78 -1.50
CA LEU A 114 3.52 -7.29 -0.48
C LEU A 114 3.15 -6.24 0.59
N VAL A 115 4.13 -5.46 1.06
CA VAL A 115 3.85 -4.44 2.08
C VAL A 115 2.97 -3.35 1.42
N ALA A 116 3.29 -3.02 0.17
CA ALA A 116 2.51 -1.98 -0.53
C ALA A 116 1.06 -2.43 -0.73
N ALA A 117 0.89 -3.71 -1.09
CA ALA A 117 -0.46 -4.27 -1.31
C ALA A 117 -1.30 -4.18 -0.06
N HIS A 118 -0.66 -4.35 1.13
CA HIS A 118 -1.35 -4.26 2.45
C HIS A 118 -1.80 -2.81 2.75
N GLU A 119 -0.87 -1.87 2.57
CA GLU A 119 -1.18 -0.46 2.82
C GLU A 119 -2.31 0.07 1.97
N PHE A 120 -2.30 -0.28 0.68
CA PHE A 120 -3.37 0.13 -0.25
C PHE A 120 -4.74 -0.40 0.17
N GLY A 121 -4.78 -1.52 0.88
CA GLY A 121 -6.06 -1.97 1.38
C GLY A 121 -6.62 -0.92 2.32
N HIS A 122 -5.76 -0.35 3.17
CA HIS A 122 -6.19 0.70 4.13
C HIS A 122 -6.63 2.02 3.43
N SER A 123 -5.83 2.46 2.44
CA SER A 123 -6.08 3.66 1.64
C SER A 123 -7.50 3.56 1.01
N LEU A 124 -7.91 2.32 0.69
CA LEU A 124 -9.22 2.06 0.11
C LEU A 124 -10.35 1.89 1.13
N GLY A 125 -10.03 1.83 2.43
CA GLY A 125 -11.08 1.66 3.41
C GLY A 125 -11.17 0.33 4.20
N LEU A 126 -10.30 -0.65 3.94
CA LEU A 126 -10.32 -1.90 4.69
C LEU A 126 -9.57 -1.80 6.04
N ALA A 127 -9.99 -2.65 6.98
CA ALA A 127 -9.39 -2.74 8.30
C ALA A 127 -8.62 -4.10 8.35
N HIS A 128 -7.96 -4.38 9.46
CA HIS A 128 -7.25 -5.65 9.57
C HIS A 128 -8.20 -6.84 9.68
N SER A 129 -7.71 -7.98 9.23
CA SER A 129 -8.42 -9.25 9.26
C SER A 129 -7.73 -10.18 10.27
N SER A 130 -8.53 -11.04 10.91
CA SER A 130 -8.00 -12.03 11.86
C SER A 130 -7.59 -13.31 11.12
N ASP A 131 -7.97 -13.42 9.85
CA ASP A 131 -7.64 -14.57 9.03
C ASP A 131 -6.16 -14.41 8.71
N PRO A 132 -5.32 -15.33 9.21
CA PRO A 132 -3.86 -15.37 9.02
C PRO A 132 -3.43 -15.57 7.59
N GLY A 133 -4.38 -15.97 6.76
CA GLY A 133 -4.12 -16.16 5.35
C GLY A 133 -4.52 -14.94 4.53
N ALA A 134 -5.20 -13.97 5.15
CA ALA A 134 -5.63 -12.76 4.47
C ALA A 134 -4.49 -11.76 4.34
N LEU A 135 -4.42 -11.06 3.21
CA LEU A 135 -3.40 -10.02 2.99
C LEU A 135 -3.58 -8.92 4.05
N MET A 136 -4.82 -8.68 4.50
CA MET A 136 -5.11 -7.66 5.51
C MET A 136 -4.78 -8.03 7.01
N TYR A 137 -4.12 -9.16 7.21
CA TYR A 137 -3.66 -9.65 8.52
C TYR A 137 -2.54 -8.66 8.98
N PRO A 138 -2.51 -8.28 10.28
CA PRO A 138 -1.53 -7.34 10.88
C PRO A 138 -0.04 -7.63 10.79
N ASN A 139 0.36 -8.89 10.72
CA ASN A 139 1.79 -9.24 10.67
C ASN A 139 2.19 -9.61 9.27
N TYR A 140 3.37 -9.15 8.86
CA TYR A 140 3.92 -9.40 7.54
C TYR A 140 4.35 -10.85 7.43
N ALA A 141 4.14 -11.45 6.25
CA ALA A 141 4.53 -12.83 5.99
C ALA A 141 4.82 -12.94 4.50
N PHE A 142 5.96 -13.49 4.11
CA PHE A 142 6.27 -13.64 2.69
C PHE A 142 5.46 -14.77 2.04
N ARG A 143 4.97 -14.55 0.84
CA ARG A 143 4.18 -15.51 0.08
C ARG A 143 4.71 -15.33 -1.34
N GLU A 144 4.72 -16.36 -2.17
CA GLU A 144 5.21 -16.18 -3.56
C GLU A 144 4.50 -15.02 -4.29
N THR A 145 5.30 -14.22 -5.00
CA THR A 145 4.78 -13.04 -5.68
C THR A 145 4.67 -13.07 -7.20
N SER A 146 5.42 -13.97 -7.85
CA SER A 146 5.45 -14.07 -9.34
C SER A 146 4.13 -14.01 -10.09
N ASN A 147 3.10 -14.65 -9.56
CA ASN A 147 1.78 -14.64 -10.17
C ASN A 147 0.78 -14.52 -9.00
N TYR A 148 1.14 -13.68 -8.02
CA TYR A 148 0.31 -13.49 -6.84
C TYR A 148 -1.06 -12.91 -7.14
N SER A 149 -2.06 -13.34 -6.38
CA SER A 149 -3.41 -12.79 -6.47
C SER A 149 -4.03 -12.69 -5.10
N LEU A 150 -5.01 -11.80 -5.00
CA LEU A 150 -5.75 -11.49 -3.78
C LEU A 150 -6.43 -12.68 -3.08
N PRO A 151 -6.18 -12.87 -1.76
CA PRO A 151 -6.81 -13.97 -1.04
C PRO A 151 -8.30 -13.72 -0.97
N GLN A 152 -9.08 -14.79 -0.89
CA GLN A 152 -10.53 -14.69 -0.85
C GLN A 152 -11.09 -13.82 0.24
N ASP A 153 -10.47 -13.80 1.40
CA ASP A 153 -10.98 -12.96 2.47
C ASP A 153 -10.83 -11.50 2.09
N ASP A 154 -9.78 -11.17 1.34
CA ASP A 154 -9.58 -9.78 0.92
C ASP A 154 -10.55 -9.35 -0.17
N ILE A 155 -10.88 -10.28 -1.07
CA ILE A 155 -11.88 -10.07 -2.10
C ILE A 155 -13.24 -9.78 -1.43
N ASP A 156 -13.60 -10.58 -0.43
CA ASP A 156 -14.86 -10.34 0.25
C ASP A 156 -14.88 -8.94 0.83
N GLY A 157 -13.72 -8.51 1.31
CA GLY A 157 -13.60 -7.19 1.90
C GLY A 157 -13.87 -5.95 1.04
N ILE A 158 -13.16 -5.79 -0.08
CA ILE A 158 -13.43 -4.62 -0.95
C ILE A 158 -14.80 -4.76 -1.62
N GLN A 159 -15.22 -5.98 -1.92
CA GLN A 159 -16.53 -6.16 -2.54
C GLN A 159 -17.64 -5.67 -1.60
N ALA A 160 -17.42 -5.81 -0.29
CA ALA A 160 -18.40 -5.37 0.70
C ALA A 160 -18.50 -3.88 0.79
N ILE A 161 -17.43 -3.17 0.43
CA ILE A 161 -17.41 -1.70 0.50
C ILE A 161 -17.93 -1.04 -0.81
N TYR A 162 -17.40 -1.49 -1.94
CA TYR A 162 -17.73 -1.01 -3.29
C TYR A 162 -18.64 -2.04 -3.95
N GLY A 163 -18.04 -2.84 -4.83
CA GLY A 163 -18.78 -3.86 -5.54
C GLY A 163 -18.06 -4.19 -6.84
#